data_6XJ1
#
_entry.id   6XJ1
#
_cell.length_a   54.777
_cell.length_b   75.171
_cell.length_c   93.239
_cell.angle_alpha   90.000
_cell.angle_beta   95.330
_cell.angle_gamma   90.000
#
_symmetry.space_group_name_H-M   'P 1 21 1'
#
loop_
_entity.id
_entity.type
_entity.pdbx_description
1 polymer 'Cell division control protein 15'
2 water water
#
_entity_poly.entity_id   1
_entity_poly.type   'polypeptide(L)'
_entity_poly.pdbx_seq_one_letter_code
;SVKFRDNFWGSKDAGMDALMSRTKSSLSVLESIDEFYAKRASIEREYASKLQELAASSADIPEVGSTLNNILSMRTETGS
MAKAHEEVSQQINTELRNKIREYIDQTEQQKVVAANAIEELYQKKTALEIDLSKKKDAYEYSCNKLNSYMRQTKKMTGRE
LDKYNLKIRQAALAVKKMDAEYRETNELLLTVTREWIDRWTEVCDAFQHIEEYRLEFLKTNMWAYANIISTACVKDDESC
EKIRLTLENTNIDEDITQMIQNEGTGTTIPPLPEFNDYFKENGLNYDIDQLISK
;
_entity_poly.pdbx_strand_id   A,B
#
# COMPACT_ATOMS: atom_id res chain seq x y z
N ASP A 17 -33.84 30.32 -34.21
CA ASP A 17 -33.37 28.97 -33.90
C ASP A 17 -31.91 28.95 -33.48
N ALA A 18 -31.61 29.64 -32.37
CA ALA A 18 -30.25 29.70 -31.84
C ALA A 18 -29.94 28.41 -31.11
N LEU A 19 -29.77 27.34 -31.89
CA LEU A 19 -29.48 26.02 -31.36
C LEU A 19 -27.99 25.68 -31.39
N MET A 20 -27.13 26.68 -31.62
CA MET A 20 -25.71 26.50 -31.33
C MET A 20 -25.50 26.26 -29.84
N SER A 21 -26.47 26.62 -29.01
CA SER A 21 -26.40 26.34 -27.59
C SER A 21 -26.25 24.85 -27.30
N ARG A 22 -26.74 23.99 -28.20
CA ARG A 22 -26.64 22.55 -27.98
C ARG A 22 -25.25 22.02 -28.32
N THR A 23 -24.66 22.49 -29.42
CA THR A 23 -23.28 22.13 -29.72
C THR A 23 -22.28 22.95 -28.92
N LYS A 24 -22.69 24.11 -28.39
CA LYS A 24 -21.84 24.86 -27.47
C LYS A 24 -21.95 24.34 -26.05
N SER A 25 -23.06 23.69 -25.68
CA SER A 25 -23.15 23.02 -24.39
C SER A 25 -22.37 21.71 -24.38
N SER A 26 -22.21 21.08 -25.55
CA SER A 26 -21.34 19.90 -25.62
C SER A 26 -19.91 20.25 -25.23
N LEU A 27 -19.52 21.51 -25.41
CA LEU A 27 -18.20 21.93 -24.99
C LEU A 27 -18.14 22.22 -23.50
N SER A 28 -19.28 22.55 -22.90
CA SER A 28 -19.34 22.70 -21.46
C SER A 28 -19.27 21.36 -20.74
N VAL A 29 -19.54 20.26 -21.44
CA VAL A 29 -19.49 18.92 -20.86
C VAL A 29 -18.25 18.15 -21.25
N LEU A 30 -17.40 18.71 -22.11
CA LEU A 30 -16.12 18.08 -22.41
C LEU A 30 -15.04 18.46 -21.39
N GLU A 31 -15.21 19.59 -20.69
CA GLU A 31 -14.23 20.06 -19.73
C GLU A 31 -14.72 20.01 -18.29
N SER A 32 -16.02 19.82 -18.07
CA SER A 32 -16.53 19.62 -16.72
C SER A 32 -16.44 18.17 -16.26
N ILE A 33 -16.08 17.25 -17.16
CA ILE A 33 -15.86 15.85 -16.82
C ILE A 33 -14.40 15.47 -16.96
N ASP A 34 -13.70 16.01 -17.98
CA ASP A 34 -12.25 15.94 -18.00
C ASP A 34 -11.66 16.47 -16.71
N GLU A 35 -12.29 17.49 -16.13
CA GLU A 35 -11.89 17.97 -14.81
C GLU A 35 -12.02 16.88 -13.76
N PHE A 36 -13.06 16.05 -13.88
CA PHE A 36 -13.28 15.00 -12.89
C PHE A 36 -12.22 13.91 -13.00
N TYR A 37 -11.92 13.48 -14.23
CA TYR A 37 -10.87 12.50 -14.43
C TYR A 37 -9.55 13.02 -13.90
N ALA A 38 -9.19 14.26 -14.24
CA ALA A 38 -7.98 14.87 -13.70
C ALA A 38 -8.10 15.11 -12.20
N LYS A 39 -9.32 15.36 -11.71
CA LYS A 39 -9.52 15.46 -10.27
C LYS A 39 -9.39 14.09 -9.62
N ARG A 40 -9.85 13.04 -10.28
CA ARG A 40 -9.72 11.70 -9.72
C ARG A 40 -8.27 11.26 -9.64
N ALA A 41 -7.54 11.36 -10.76
CA ALA A 41 -6.13 11.00 -10.75
C ALA A 41 -5.36 11.84 -9.74
N SER A 42 -5.63 13.15 -9.70
CA SER A 42 -4.99 14.01 -8.71
C SER A 42 -5.37 13.63 -7.28
N ILE A 43 -6.50 12.97 -7.08
CA ILE A 43 -6.95 12.60 -5.75
C ILE A 43 -6.55 11.17 -5.39
N GLU A 44 -6.48 10.29 -6.40
CA GLU A 44 -6.14 8.84 -6.20
C GLU A 44 -4.67 8.63 -5.91
N ARG A 45 -3.90 9.69 -5.74
CA ARG A 45 -2.51 9.51 -5.29
C ARG A 45 -2.23 10.23 -3.98
N GLU A 46 -2.87 11.36 -3.73
CA GLU A 46 -2.70 12.12 -2.49
C GLU A 46 -3.67 11.65 -1.41
N TYR A 47 -4.84 11.16 -1.81
CA TYR A 47 -5.76 10.53 -0.89
C TYR A 47 -5.72 9.00 -0.94
N ALA A 48 -4.87 8.42 -1.79
CA ALA A 48 -4.64 6.98 -1.72
C ALA A 48 -3.17 6.60 -1.55
N SER A 49 -2.29 7.21 -2.35
CA SER A 49 -0.91 6.74 -2.41
C SER A 49 0.03 7.54 -1.53
N LYS A 50 -0.36 8.76 -1.15
CA LYS A 50 0.42 9.49 -0.16
C LYS A 50 0.38 8.82 1.21
N LEU A 51 -0.27 7.66 1.32
CA LEU A 51 -0.29 6.88 2.56
C LEU A 51 0.75 5.77 2.55
N GLN A 52 0.63 4.81 1.61
CA GLN A 52 1.58 3.70 1.58
C GLN A 52 2.97 4.20 1.20
N GLU A 53 3.06 5.02 0.16
CA GLU A 53 4.32 5.68 -0.17
C GLU A 53 4.98 6.26 1.07
N LEU A 54 4.23 7.06 1.84
CA LEU A 54 4.76 7.62 3.07
C LEU A 54 4.86 6.57 4.17
N ALA A 55 3.72 6.03 4.59
CA ALA A 55 3.68 5.27 5.84
C ALA A 55 4.54 4.01 5.77
N ALA A 56 4.56 3.33 4.62
CA ALA A 56 5.33 2.10 4.54
C ALA A 56 6.83 2.37 4.66
N SER A 57 7.40 3.15 3.75
CA SER A 57 8.84 3.37 3.78
C SER A 57 9.24 4.27 4.94
N SER A 58 8.61 5.44 5.06
CA SER A 58 9.04 6.45 6.02
C SER A 58 8.96 5.92 7.46
N ALA A 59 7.78 5.48 7.88
CA ALA A 59 7.62 4.99 9.24
C ALA A 59 8.42 3.72 9.49
N ASP A 60 8.84 3.02 8.45
CA ASP A 60 9.70 1.86 8.52
C ASP A 60 11.14 2.25 8.15
N ILE A 61 11.96 1.25 7.84
CA ILE A 61 13.41 1.30 7.61
C ILE A 61 14.11 1.88 8.84
N PRO A 62 14.01 1.24 10.00
CA PRO A 62 14.86 1.59 11.14
C PRO A 62 16.11 0.70 11.15
N GLU A 63 17.05 1.05 12.01
CA GLU A 63 18.21 0.19 12.23
C GLU A 63 18.02 -0.73 13.42
N VAL A 64 16.78 -1.02 13.81
CA VAL A 64 16.51 -1.93 14.91
C VAL A 64 17.08 -3.29 14.53
N GLY A 65 18.09 -3.73 15.28
CA GLY A 65 18.75 -4.98 14.97
C GLY A 65 17.83 -6.17 15.09
N SER A 66 17.84 -7.05 14.09
CA SER A 66 17.01 -8.25 14.16
C SER A 66 17.40 -9.13 15.33
N THR A 67 18.61 -8.95 15.88
CA THR A 67 19.11 -9.58 17.09
C THR A 67 19.04 -11.11 17.01
N LEU A 68 18.71 -11.63 15.83
CA LEU A 68 18.85 -13.05 15.56
C LEU A 68 20.28 -13.33 15.14
N ASN A 69 21.04 -14.00 16.00
CA ASN A 69 22.41 -14.39 15.68
C ASN A 69 22.47 -15.38 14.53
N ASN A 70 21.35 -15.99 14.16
CA ASN A 70 21.29 -16.91 13.03
C ASN A 70 21.52 -16.14 11.74
N ILE A 71 22.62 -16.43 11.05
CA ILE A 71 22.91 -15.78 9.77
C ILE A 71 21.81 -16.02 8.74
N LEU A 72 20.93 -16.98 8.98
CA LEU A 72 19.94 -17.43 8.00
C LEU A 72 18.51 -17.07 8.38
N SER A 73 18.05 -17.44 9.57
CA SER A 73 16.74 -16.99 10.00
C SER A 73 16.68 -15.47 10.19
N MET A 74 17.81 -14.79 10.01
CA MET A 74 17.84 -13.33 9.93
C MET A 74 17.72 -12.84 8.49
N ARG A 75 18.24 -13.61 7.52
CA ARG A 75 18.06 -13.25 6.12
C ARG A 75 16.59 -13.14 5.77
N THR A 76 15.74 -13.94 6.40
CA THR A 76 14.32 -13.93 6.08
C THR A 76 13.57 -12.78 6.75
N GLU A 77 14.01 -12.36 7.94
CA GLU A 77 13.37 -11.23 8.60
C GLU A 77 13.66 -9.93 7.86
N THR A 78 14.93 -9.66 7.59
CA THR A 78 15.27 -8.49 6.76
C THR A 78 14.68 -8.63 5.36
N GLY A 79 14.63 -9.86 4.84
CA GLY A 79 13.95 -10.07 3.56
C GLY A 79 12.50 -9.67 3.61
N SER A 80 11.84 -9.89 4.74
CA SER A 80 10.48 -9.40 4.92
C SER A 80 10.47 -7.89 5.14
N MET A 81 11.50 -7.36 5.79
CA MET A 81 11.61 -5.91 5.96
C MET A 81 12.00 -5.23 4.66
N ALA A 82 12.92 -5.83 3.90
CA ALA A 82 13.33 -5.25 2.63
C ALA A 82 12.20 -5.24 1.63
N LYS A 83 11.49 -6.36 1.48
CA LYS A 83 10.42 -6.43 0.51
C LYS A 83 9.18 -5.67 0.95
N ALA A 84 9.09 -5.28 2.22
CA ALA A 84 8.13 -4.25 2.60
C ALA A 84 8.51 -2.92 1.97
N HIS A 85 9.82 -2.64 1.89
CA HIS A 85 10.31 -1.39 1.32
C HIS A 85 10.42 -1.45 -0.19
N GLU A 86 10.69 -2.62 -0.77
CA GLU A 86 10.67 -2.74 -2.22
C GLU A 86 9.26 -3.01 -2.73
N GLU A 87 8.27 -2.96 -1.86
CA GLU A 87 6.87 -2.85 -2.25
C GLU A 87 6.44 -1.40 -2.33
N VAL A 88 6.96 -0.56 -1.43
CA VAL A 88 6.59 0.85 -1.41
C VAL A 88 7.33 1.64 -2.49
N SER A 89 8.49 1.17 -2.94
CA SER A 89 9.14 1.80 -4.08
C SER A 89 8.31 1.68 -5.34
N GLN A 90 7.22 0.90 -5.31
CA GLN A 90 6.37 0.69 -6.47
C GLN A 90 5.04 1.40 -6.38
N GLN A 91 4.57 1.75 -5.19
CA GLN A 91 3.45 2.68 -5.09
C GLN A 91 3.90 4.12 -5.29
N ILE A 92 5.16 4.43 -4.98
CA ILE A 92 5.72 5.73 -5.33
C ILE A 92 5.73 5.89 -6.84
N ASN A 93 6.05 4.82 -7.56
CA ASN A 93 6.10 4.88 -9.02
C ASN A 93 4.75 5.28 -9.60
N THR A 94 3.66 4.70 -9.07
CA THR A 94 2.34 5.08 -9.54
C THR A 94 2.03 6.53 -9.17
N GLU A 95 2.32 6.92 -7.92
CA GLU A 95 2.15 8.32 -7.52
C GLU A 95 2.86 9.24 -8.49
N LEU A 96 4.10 8.90 -8.86
CA LEU A 96 4.82 9.68 -9.85
C LEU A 96 4.22 9.51 -11.23
N ARG A 97 4.22 8.27 -11.74
CA ARG A 97 3.87 8.02 -13.14
C ARG A 97 2.43 8.38 -13.47
N ASN A 98 1.54 8.35 -12.48
CA ASN A 98 0.13 8.64 -12.74
C ASN A 98 -0.18 10.13 -12.59
N LYS A 99 0.65 10.89 -11.90
CA LYS A 99 0.59 12.35 -11.98
C LYS A 99 1.50 12.90 -13.07
N ILE A 100 2.12 12.02 -13.84
CA ILE A 100 2.72 12.38 -15.12
C ILE A 100 1.88 11.82 -16.28
N ARG A 101 0.61 11.52 -15.99
CA ARG A 101 -0.40 11.21 -17.00
C ARG A 101 -1.59 12.14 -16.92
N GLU A 102 -1.97 12.56 -15.71
CA GLU A 102 -2.96 13.63 -15.57
C GLU A 102 -2.51 14.89 -16.31
N TYR A 103 -1.21 15.10 -16.45
CA TYR A 103 -0.66 16.15 -17.29
C TYR A 103 -0.89 15.89 -18.78
N ILE A 104 -1.53 14.79 -19.15
CA ILE A 104 -2.00 14.59 -20.52
C ILE A 104 -3.49 14.91 -20.63
N ASP A 105 -4.21 15.02 -19.51
CA ASP A 105 -5.54 15.60 -19.56
C ASP A 105 -5.49 17.05 -19.99
N GLN A 106 -4.50 17.80 -19.50
CA GLN A 106 -4.40 19.21 -19.88
C GLN A 106 -3.92 19.37 -21.32
N THR A 107 -3.21 18.39 -21.88
CA THR A 107 -2.96 18.39 -23.32
C THR A 107 -4.18 17.90 -24.10
N GLU A 108 -5.32 17.76 -23.42
CA GLU A 108 -6.63 17.68 -24.04
C GLU A 108 -7.61 18.69 -23.45
N GLN A 109 -7.57 18.90 -22.14
CA GLN A 109 -8.47 19.88 -21.52
C GLN A 109 -8.17 21.30 -22.00
N GLN A 110 -6.98 21.54 -22.56
CA GLN A 110 -6.65 22.83 -23.13
C GLN A 110 -6.21 22.76 -24.59
N LYS A 111 -5.82 21.58 -25.09
CA LYS A 111 -5.57 21.42 -26.52
C LYS A 111 -6.87 21.40 -27.32
N VAL A 112 -7.94 20.89 -26.74
CA VAL A 112 -9.24 20.94 -27.40
C VAL A 112 -9.67 22.38 -27.61
N VAL A 113 -9.23 23.30 -26.74
CA VAL A 113 -9.53 24.71 -26.91
C VAL A 113 -8.88 25.23 -28.18
N ALA A 114 -7.71 24.69 -28.54
CA ALA A 114 -7.10 25.04 -29.81
C ALA A 114 -7.90 24.52 -30.99
N ALA A 115 -8.77 23.53 -30.78
CA ALA A 115 -9.60 22.97 -31.84
C ALA A 115 -11.05 23.43 -31.76
N ASN A 116 -11.41 24.27 -30.79
CA ASN A 116 -12.80 24.68 -30.63
C ASN A 116 -12.95 26.16 -30.30
N ALA A 117 -11.89 26.94 -30.30
CA ALA A 117 -11.98 28.39 -30.22
C ALA A 117 -11.53 29.05 -31.52
N ILE A 118 -11.14 28.26 -32.52
CA ILE A 118 -10.65 28.77 -33.79
C ILE A 118 -11.80 28.81 -34.78
N GLU A 119 -12.45 27.66 -34.99
CA GLU A 119 -13.62 27.55 -35.87
C GLU A 119 -14.93 27.78 -35.11
N GLU A 120 -14.88 28.50 -33.99
CA GLU A 120 -16.07 28.87 -33.25
C GLU A 120 -16.33 30.37 -33.32
N LEU A 121 -15.34 31.20 -33.01
CA LEU A 121 -15.47 32.64 -33.21
C LEU A 121 -15.53 32.97 -34.69
N TYR A 122 -14.76 32.25 -35.51
CA TYR A 122 -14.81 32.44 -36.96
C TYR A 122 -16.18 32.10 -37.52
N GLN A 123 -16.97 31.27 -36.82
CA GLN A 123 -18.33 30.96 -37.23
C GLN A 123 -19.37 31.83 -36.53
N LYS A 124 -18.98 32.53 -35.46
CA LYS A 124 -19.93 33.41 -34.77
C LYS A 124 -20.21 34.66 -35.59
N LYS A 125 -19.16 35.26 -36.17
CA LYS A 125 -19.32 36.52 -36.89
C LYS A 125 -20.38 36.42 -37.98
N THR A 126 -20.27 35.40 -38.84
CA THR A 126 -21.28 35.18 -39.87
C THR A 126 -22.64 34.87 -39.25
N ALA A 127 -22.65 34.18 -38.11
CA ALA A 127 -23.90 33.77 -37.49
C ALA A 127 -24.75 34.94 -37.01
N LEU A 128 -24.15 36.12 -36.82
CA LEU A 128 -24.93 37.31 -36.47
C LEU A 128 -25.18 38.24 -37.64
N GLU A 129 -24.41 38.12 -38.73
CA GLU A 129 -24.73 38.89 -39.93
C GLU A 129 -26.09 38.47 -40.48
N ILE A 130 -26.39 37.17 -40.44
CA ILE A 130 -27.75 36.69 -40.71
C ILE A 130 -28.76 37.39 -39.82
N ASP A 131 -28.45 37.44 -38.51
CA ASP A 131 -29.44 37.80 -37.51
C ASP A 131 -30.02 39.19 -37.76
N LEU A 132 -29.16 40.16 -38.08
CA LEU A 132 -29.67 41.51 -38.34
C LEU A 132 -30.15 41.69 -39.77
N SER A 133 -29.57 40.95 -40.73
CA SER A 133 -30.06 41.02 -42.10
C SER A 133 -31.50 40.53 -42.18
N LYS A 134 -31.82 39.42 -41.51
CA LYS A 134 -33.21 38.99 -41.39
C LYS A 134 -34.04 40.04 -40.67
N LYS A 135 -33.49 40.63 -39.61
CA LYS A 135 -34.17 41.73 -38.94
C LYS A 135 -34.33 42.92 -39.86
N LYS A 136 -33.37 43.14 -40.77
CA LYS A 136 -33.52 44.18 -41.78
C LYS A 136 -34.55 43.76 -42.84
N ASP A 137 -34.71 42.46 -43.05
CA ASP A 137 -35.74 41.99 -43.97
C ASP A 137 -37.13 42.14 -43.35
N ALA A 138 -37.30 41.65 -42.12
CA ALA A 138 -38.56 41.83 -41.41
C ALA A 138 -38.85 43.31 -41.15
N TYR A 139 -37.80 44.12 -41.04
CA TYR A 139 -38.00 45.56 -40.99
C TYR A 139 -38.44 46.11 -42.34
N GLU A 140 -38.01 45.47 -43.44
CA GLU A 140 -38.40 45.88 -44.78
C GLU A 140 -39.64 45.14 -45.27
N TYR A 141 -40.54 44.78 -44.35
CA TYR A 141 -41.84 44.23 -44.65
C TYR A 141 -42.85 45.30 -45.04
N SER A 142 -42.37 46.48 -45.41
CA SER A 142 -43.24 47.57 -45.83
C SER A 142 -43.75 47.41 -47.25
N CYS A 143 -43.17 46.50 -48.03
CA CYS A 143 -43.80 46.12 -49.30
C CYS A 143 -45.23 45.66 -49.08
N ASN A 144 -45.50 45.02 -47.94
CA ASN A 144 -46.86 44.62 -47.59
C ASN A 144 -47.67 45.79 -47.06
N LYS A 145 -47.04 46.69 -46.29
CA LYS A 145 -47.78 47.77 -45.66
C LYS A 145 -48.30 48.77 -46.67
N LEU A 146 -47.61 48.96 -47.79
CA LEU A 146 -48.10 49.82 -48.85
C LEU A 146 -48.97 49.07 -49.86
N ASN A 147 -48.81 47.75 -49.97
CA ASN A 147 -49.76 46.96 -50.74
C ASN A 147 -51.12 46.93 -50.07
N SER A 148 -51.15 46.89 -48.75
CA SER A 148 -52.42 46.93 -48.02
C SER A 148 -53.15 48.24 -48.29
N TYR A 149 -52.44 49.36 -48.19
CA TYR A 149 -53.03 50.66 -48.51
C TYR A 149 -53.18 50.90 -50.00
N MET A 150 -52.57 50.07 -50.84
CA MET A 150 -52.80 50.18 -52.28
C MET A 150 -54.15 49.56 -52.64
N ARG A 151 -54.42 48.36 -52.13
CA ARG A 151 -55.69 47.70 -52.44
C ARG A 151 -56.86 48.48 -51.90
N GLN A 152 -56.73 49.03 -50.69
CA GLN A 152 -57.83 49.77 -50.10
C GLN A 152 -58.23 50.98 -50.93
N THR A 153 -57.30 51.51 -51.73
CA THR A 153 -57.68 52.54 -52.70
C THR A 153 -58.49 51.93 -53.83
N LYS A 154 -58.03 50.79 -54.36
CA LYS A 154 -58.77 50.12 -55.42
C LYS A 154 -60.12 49.62 -54.94
N LYS A 155 -60.18 49.17 -53.68
CA LYS A 155 -61.45 48.72 -53.11
C LYS A 155 -62.47 49.83 -53.05
N MET A 156 -62.05 51.03 -52.65
CA MET A 156 -62.97 52.14 -52.45
C MET A 156 -63.25 52.89 -53.74
N THR A 157 -62.61 52.51 -54.85
CA THR A 157 -62.86 53.14 -56.14
C THR A 157 -64.10 52.57 -56.81
N GLY A 158 -64.66 51.47 -56.30
CA GLY A 158 -65.93 51.00 -56.80
C GLY A 158 -67.04 52.01 -56.62
N ARG A 159 -66.90 52.91 -55.64
CA ARG A 159 -67.87 53.97 -55.41
C ARG A 159 -67.63 55.18 -56.30
N GLU A 160 -66.41 55.35 -56.79
CA GLU A 160 -66.05 56.41 -57.75
C GLU A 160 -66.28 57.81 -57.15
N LEU A 161 -65.39 58.16 -56.21
CA LEU A 161 -65.30 59.51 -55.67
C LEU A 161 -64.34 60.39 -56.48
N ASP A 162 -64.20 60.07 -57.78
CA ASP A 162 -63.86 60.95 -58.91
C ASP A 162 -62.41 61.31 -59.18
N LYS A 163 -61.48 61.18 -58.21
CA LYS A 163 -60.08 61.23 -58.59
C LYS A 163 -59.18 60.53 -57.58
N TYR A 164 -59.69 59.49 -56.93
CA TYR A 164 -58.83 58.61 -56.14
C TYR A 164 -57.78 57.94 -57.03
N ASN A 165 -57.98 57.98 -58.35
CA ASN A 165 -57.04 57.34 -59.28
C ASN A 165 -55.67 57.99 -59.23
N LEU A 166 -55.61 59.29 -58.95
CA LEU A 166 -54.31 59.95 -58.76
C LEU A 166 -53.60 59.35 -57.56
N LYS A 167 -54.30 59.23 -56.43
CA LYS A 167 -53.76 58.53 -55.27
C LYS A 167 -53.26 57.15 -55.66
N ILE A 168 -54.00 56.46 -56.54
CA ILE A 168 -53.67 55.09 -56.91
C ILE A 168 -52.36 55.05 -57.68
N ARG A 169 -52.10 56.05 -58.52
CA ARG A 169 -50.78 56.16 -59.14
C ARG A 169 -49.69 56.19 -58.08
N GLN A 170 -49.84 57.07 -57.08
CA GLN A 170 -48.83 57.23 -56.04
C GLN A 170 -48.47 55.89 -55.40
N ALA A 171 -49.48 55.21 -54.84
CA ALA A 171 -49.24 53.90 -54.25
C ALA A 171 -48.76 52.89 -55.28
N ALA A 172 -49.06 53.10 -56.56
CA ALA A 172 -48.53 52.22 -57.60
C ALA A 172 -47.04 52.46 -57.80
N LEU A 173 -46.62 53.72 -57.92
CA LEU A 173 -45.19 54.01 -57.96
C LEU A 173 -44.52 53.68 -56.64
N ALA A 174 -45.22 53.87 -55.52
CA ALA A 174 -44.63 53.54 -54.23
C ALA A 174 -44.38 52.04 -54.12
N VAL A 175 -45.37 51.23 -54.48
CA VAL A 175 -45.23 49.78 -54.38
C VAL A 175 -44.06 49.29 -55.23
N LYS A 176 -43.90 49.88 -56.42
CA LYS A 176 -42.82 49.47 -57.30
C LYS A 176 -41.46 49.68 -56.65
N LYS A 177 -41.24 50.87 -56.08
CA LYS A 177 -39.96 51.17 -55.45
C LYS A 177 -39.72 50.29 -54.22
N MET A 178 -40.76 50.06 -53.43
CA MET A 178 -40.58 49.43 -52.13
C MET A 178 -40.52 47.91 -52.20
N ASP A 179 -40.97 47.29 -53.30
CA ASP A 179 -40.64 45.88 -53.49
C ASP A 179 -39.26 45.72 -54.11
N ALA A 180 -38.82 46.71 -54.88
CA ALA A 180 -37.43 46.77 -55.33
C ALA A 180 -36.46 46.82 -54.15
N GLU A 181 -36.92 47.29 -52.98
CA GLU A 181 -36.17 47.11 -51.75
C GLU A 181 -36.28 45.66 -51.28
N TYR A 182 -37.51 45.17 -51.17
CA TYR A 182 -37.78 43.82 -50.68
C TYR A 182 -37.01 42.77 -51.49
N ARG A 183 -37.05 42.87 -52.82
CA ARG A 183 -36.30 41.93 -53.64
C ARG A 183 -34.79 42.07 -53.41
N GLU A 184 -34.32 43.29 -53.16
CA GLU A 184 -32.90 43.50 -52.91
C GLU A 184 -32.49 42.90 -51.58
N THR A 185 -33.25 43.20 -50.52
CA THR A 185 -32.92 42.65 -49.20
C THR A 185 -33.10 41.13 -49.17
N ASN A 186 -34.00 40.59 -49.99
CA ASN A 186 -34.26 39.16 -49.97
C ASN A 186 -33.17 38.37 -50.66
N GLU A 187 -32.72 38.81 -51.84
CA GLU A 187 -31.63 38.13 -52.52
C GLU A 187 -30.35 38.17 -51.69
N LEU A 188 -30.08 39.31 -51.05
CA LEU A 188 -28.90 39.41 -50.19
C LEU A 188 -29.00 38.46 -49.01
N LEU A 189 -30.09 38.57 -48.25
CA LEU A 189 -30.30 37.66 -47.12
C LEU A 189 -30.37 36.20 -47.56
N LEU A 190 -30.71 35.94 -48.83
CA LEU A 190 -30.71 34.58 -49.33
C LEU A 190 -29.30 33.99 -49.29
N THR A 191 -28.35 34.64 -49.98
CA THR A 191 -26.99 34.13 -50.01
C THR A 191 -26.28 34.28 -48.67
N VAL A 192 -26.72 35.21 -47.82
CA VAL A 192 -26.13 35.33 -46.49
C VAL A 192 -26.41 34.08 -45.67
N THR A 193 -27.59 33.46 -45.87
CA THR A 193 -27.90 32.18 -45.23
C THR A 193 -27.54 31.00 -46.11
N ARG A 194 -27.64 31.14 -47.44
CA ARG A 194 -27.20 30.06 -48.32
C ARG A 194 -25.71 29.79 -48.14
N GLU A 195 -24.94 30.82 -47.80
CA GLU A 195 -23.55 30.69 -47.39
C GLU A 195 -23.42 30.41 -45.90
N TRP A 196 -24.54 30.14 -45.22
CA TRP A 196 -24.50 29.72 -43.83
C TRP A 196 -25.04 28.31 -43.63
N ILE A 197 -25.92 27.83 -44.50
CA ILE A 197 -26.19 26.39 -44.55
C ILE A 197 -24.91 25.64 -44.92
N ASP A 198 -24.14 26.20 -45.86
CA ASP A 198 -22.86 25.60 -46.24
C ASP A 198 -21.91 25.55 -45.04
N ARG A 199 -21.57 26.71 -44.49
CA ARG A 199 -20.52 26.78 -43.48
C ARG A 199 -20.94 26.19 -42.13
N TRP A 200 -22.23 26.08 -41.86
CA TRP A 200 -22.66 25.47 -40.60
C TRP A 200 -22.50 23.96 -40.63
N THR A 201 -22.60 23.34 -41.81
CA THR A 201 -22.29 21.92 -41.93
C THR A 201 -20.83 21.64 -41.61
N GLU A 202 -19.97 22.66 -41.67
CA GLU A 202 -18.55 22.49 -41.38
C GLU A 202 -18.27 22.46 -39.89
N VAL A 203 -19.08 23.14 -39.08
CA VAL A 203 -18.96 23.04 -37.63
C VAL A 203 -19.67 21.79 -37.10
N CYS A 204 -20.77 21.39 -37.76
CA CYS A 204 -21.39 20.10 -37.44
C CYS A 204 -20.40 18.96 -37.63
N ASP A 205 -19.66 18.98 -38.75
CA ASP A 205 -18.71 17.90 -39.03
C ASP A 205 -17.48 17.99 -38.15
N ALA A 206 -16.98 19.21 -37.92
CA ALA A 206 -15.77 19.37 -37.11
C ALA A 206 -16.02 18.98 -35.65
N PHE A 207 -17.17 19.36 -35.09
CA PHE A 207 -17.47 18.98 -33.72
C PHE A 207 -17.66 17.47 -33.59
N GLN A 208 -18.25 16.83 -34.60
CA GLN A 208 -18.37 15.37 -34.56
C GLN A 208 -17.03 14.67 -34.76
N HIS A 209 -15.98 15.40 -35.11
CA HIS A 209 -14.64 14.82 -35.21
C HIS A 209 -13.95 14.81 -33.85
N ILE A 210 -13.91 15.95 -33.16
CA ILE A 210 -13.21 16.05 -31.89
C ILE A 210 -14.10 15.72 -30.70
N GLU A 211 -15.39 15.48 -30.92
CA GLU A 211 -16.21 14.82 -29.92
C GLU A 211 -16.26 13.31 -30.10
N GLU A 212 -15.71 12.81 -31.21
CA GLU A 212 -15.47 11.39 -31.39
C GLU A 212 -14.05 10.99 -31.04
N TYR A 213 -13.08 11.88 -31.26
CA TYR A 213 -11.71 11.63 -30.85
C TYR A 213 -11.50 11.86 -29.37
N ARG A 214 -12.33 12.71 -28.73
CA ARG A 214 -12.27 12.82 -27.28
C ARG A 214 -12.58 11.49 -26.62
N LEU A 215 -13.45 10.69 -27.24
CA LEU A 215 -13.77 9.37 -26.69
C LEU A 215 -12.61 8.41 -26.85
N GLU A 216 -11.93 8.45 -28.00
CA GLU A 216 -10.70 7.68 -28.16
C GLU A 216 -9.62 8.14 -27.20
N PHE A 217 -9.57 9.44 -26.90
CA PHE A 217 -8.66 9.91 -25.86
C PHE A 217 -9.06 9.35 -24.49
N LEU A 218 -10.35 9.44 -24.16
CA LEU A 218 -10.83 8.92 -22.89
C LEU A 218 -10.57 7.43 -22.76
N LYS A 219 -10.92 6.66 -23.79
CA LYS A 219 -10.74 5.22 -23.74
C LYS A 219 -9.26 4.84 -23.71
N THR A 220 -8.45 5.48 -24.57
CA THR A 220 -7.05 5.10 -24.64
C THR A 220 -6.27 5.59 -23.42
N ASN A 221 -6.70 6.69 -22.81
CA ASN A 221 -6.03 7.20 -21.62
C ASN A 221 -6.54 6.51 -20.36
N MET A 222 -7.70 5.86 -20.41
CA MET A 222 -8.14 5.05 -19.29
C MET A 222 -7.68 3.60 -19.40
N TRP A 223 -7.49 3.10 -20.63
CA TRP A 223 -6.87 1.79 -20.79
C TRP A 223 -5.43 1.82 -20.28
N ALA A 224 -4.76 2.97 -20.38
CA ALA A 224 -3.44 3.16 -19.82
C ALA A 224 -3.50 3.57 -18.36
N TYR A 225 -4.67 3.51 -17.73
CA TYR A 225 -4.76 3.75 -16.30
C TYR A 225 -4.56 2.45 -15.52
N ALA A 226 -5.31 1.40 -15.89
CA ALA A 226 -5.13 0.12 -15.23
C ALA A 226 -3.74 -0.46 -15.51
N ASN A 227 -3.25 -0.29 -16.74
CA ASN A 227 -1.89 -0.72 -17.06
C ASN A 227 -0.84 0.04 -16.28
N ILE A 228 -1.21 1.13 -15.62
CA ILE A 228 -0.31 1.80 -14.70
C ILE A 228 -0.38 1.18 -13.30
N ILE A 229 -1.55 0.71 -12.90
CA ILE A 229 -1.69 0.05 -11.60
C ILE A 229 -1.40 -1.44 -11.70
N SER A 230 -1.77 -2.07 -12.82
CA SER A 230 -1.44 -3.49 -12.99
C SER A 230 0.05 -3.72 -12.89
N THR A 231 0.85 -2.75 -13.32
CA THR A 231 2.28 -2.81 -13.07
C THR A 231 2.57 -2.79 -11.57
N ALA A 232 1.89 -1.91 -10.84
CA ALA A 232 2.08 -1.86 -9.39
C ALA A 232 1.69 -3.17 -8.73
N CYS A 233 0.59 -3.77 -9.17
CA CYS A 233 0.18 -5.06 -8.62
C CYS A 233 1.23 -6.13 -8.88
N VAL A 234 1.72 -6.21 -10.13
CA VAL A 234 2.70 -7.23 -10.46
C VAL A 234 4.03 -6.94 -9.80
N LYS A 235 4.32 -5.68 -9.47
CA LYS A 235 5.59 -5.34 -8.85
C LYS A 235 5.70 -5.93 -7.45
N ASP A 236 4.80 -5.53 -6.56
CA ASP A 236 4.88 -5.99 -5.18
C ASP A 236 4.51 -7.46 -5.04
N ASP A 237 3.66 -7.98 -5.94
CA ASP A 237 3.42 -9.42 -5.95
C ASP A 237 4.70 -10.18 -6.28
N GLU A 238 5.40 -9.74 -7.33
CA GLU A 238 6.72 -10.29 -7.62
C GLU A 238 7.67 -10.12 -6.45
N SER A 239 7.52 -9.05 -5.67
CA SER A 239 8.32 -8.87 -4.47
C SER A 239 7.86 -9.78 -3.34
N CYS A 240 6.58 -10.15 -3.32
CA CYS A 240 6.11 -11.12 -2.34
C CYS A 240 6.63 -12.51 -2.66
N GLU A 241 6.77 -12.83 -3.94
CA GLU A 241 7.44 -14.07 -4.34
C GLU A 241 8.88 -14.11 -3.84
N LYS A 242 9.47 -12.95 -3.56
CA LYS A 242 10.83 -12.91 -3.02
C LYS A 242 10.87 -13.14 -1.52
N ILE A 243 9.76 -12.92 -0.80
CA ILE A 243 9.72 -13.28 0.61
C ILE A 243 9.58 -14.78 0.79
N ARG A 244 9.01 -15.48 -0.19
CA ARG A 244 8.93 -16.94 -0.13
C ARG A 244 10.20 -17.60 -0.63
N LEU A 245 10.97 -16.93 -1.49
CA LEU A 245 12.26 -17.46 -1.90
C LEU A 245 13.28 -17.36 -0.76
N THR A 246 13.38 -16.19 -0.14
CA THR A 246 14.21 -16.02 1.06
C THR A 246 13.77 -16.95 2.18
N LEU A 247 12.53 -17.39 2.15
CA LEU A 247 11.96 -18.25 3.20
C LEU A 247 12.13 -19.74 2.90
N GLU A 248 12.63 -20.10 1.72
CA GLU A 248 12.87 -21.49 1.41
C GLU A 248 14.31 -21.92 1.61
N ASN A 249 15.25 -20.97 1.53
CA ASN A 249 16.66 -21.30 1.71
C ASN A 249 17.01 -21.60 3.15
N THR A 250 16.10 -21.40 4.10
CA THR A 250 16.41 -21.60 5.50
C THR A 250 16.58 -23.08 5.81
N ASN A 251 17.75 -23.46 6.29
CA ASN A 251 18.01 -24.80 6.81
C ASN A 251 18.42 -24.66 8.27
N ILE A 252 17.67 -25.31 9.15
CA ILE A 252 17.68 -24.95 10.56
C ILE A 252 18.82 -25.62 11.32
N ASP A 253 19.14 -26.88 10.96
CA ASP A 253 20.13 -27.62 11.73
C ASP A 253 21.51 -26.99 11.64
N GLU A 254 21.84 -26.34 10.52
CA GLU A 254 23.04 -25.53 10.43
C GLU A 254 22.88 -24.20 11.12
N ASP A 255 21.65 -23.75 11.34
CA ASP A 255 21.42 -22.42 11.89
C ASP A 255 21.78 -22.33 13.36
N ILE A 256 21.14 -23.14 14.21
CA ILE A 256 21.54 -23.14 15.60
C ILE A 256 23.03 -23.42 15.71
N THR A 257 23.55 -24.32 14.88
CA THR A 257 24.99 -24.58 14.84
C THR A 257 25.78 -23.28 14.69
N GLN A 258 25.43 -22.47 13.67
CA GLN A 258 26.05 -21.16 13.54
C GLN A 258 25.76 -20.29 14.75
N MET A 259 24.56 -20.43 15.32
CA MET A 259 24.20 -19.63 16.48
C MET A 259 24.91 -20.10 17.75
N ILE A 260 25.24 -21.40 17.85
CA ILE A 260 25.95 -21.88 19.03
C ILE A 260 27.33 -21.25 19.13
N GLN A 261 28.05 -21.15 18.00
CA GLN A 261 29.40 -20.61 18.05
C GLN A 261 29.43 -19.20 18.63
N ASN A 262 28.37 -18.42 18.40
CA ASN A 262 28.30 -17.06 18.95
C ASN A 262 28.08 -17.09 20.46
N GLU A 263 27.01 -17.74 20.90
CA GLU A 263 26.64 -17.81 22.30
C GLU A 263 27.29 -18.96 23.03
N GLY A 264 28.26 -19.64 22.41
CA GLY A 264 28.91 -20.75 23.07
C GLY A 264 29.61 -20.30 24.34
N THR A 265 29.48 -21.11 25.39
CA THR A 265 30.05 -20.81 26.69
C THR A 265 31.18 -21.75 27.06
N GLY A 266 31.05 -23.05 26.78
CA GLY A 266 32.11 -23.99 27.08
C GLY A 266 31.87 -25.39 26.55
N THR A 267 32.94 -26.04 26.06
CA THR A 267 32.78 -27.33 25.39
C THR A 267 33.29 -28.52 26.19
N THR A 268 34.19 -28.32 27.16
CA THR A 268 34.70 -29.42 27.96
C THR A 268 33.90 -29.53 29.26
N ILE A 269 33.66 -30.77 29.67
CA ILE A 269 32.79 -31.08 30.80
C ILE A 269 33.37 -30.44 32.06
N PRO A 270 32.53 -30.13 33.06
CA PRO A 270 33.04 -29.57 34.33
C PRO A 270 33.71 -30.64 35.18
N PRO A 271 35.04 -30.79 35.07
CA PRO A 271 35.71 -31.95 35.68
C PRO A 271 35.34 -32.15 37.15
N LEU A 272 35.35 -33.41 37.56
CA LEU A 272 34.78 -33.85 38.82
C LEU A 272 35.72 -33.57 40.00
N PRO A 273 35.18 -33.43 41.20
CA PRO A 273 36.03 -33.17 42.38
C PRO A 273 36.79 -34.43 42.79
N GLU A 274 38.11 -34.31 42.86
CA GLU A 274 38.97 -35.39 43.31
C GLU A 274 39.55 -35.06 44.68
N PHE A 275 39.77 -36.11 45.47
CA PHE A 275 40.22 -35.95 46.86
C PHE A 275 41.71 -35.64 46.87
N ASN A 276 42.06 -34.46 47.39
CA ASN A 276 43.45 -34.03 47.44
C ASN A 276 44.11 -34.57 48.70
N ASP A 277 45.27 -35.21 48.55
CA ASP A 277 45.87 -36.02 49.59
C ASP A 277 46.81 -35.16 50.46
N TYR A 278 47.56 -35.84 51.32
CA TYR A 278 48.46 -35.21 52.28
C TYR A 278 49.89 -35.11 51.77
N PHE A 279 50.31 -36.06 50.93
CA PHE A 279 51.66 -36.10 50.37
C PHE A 279 51.80 -35.26 49.11
N LYS A 280 50.90 -34.30 48.88
CA LYS A 280 51.03 -33.42 47.72
C LYS A 280 52.40 -32.75 47.68
N GLU A 281 52.79 -32.13 48.79
CA GLU A 281 54.12 -31.55 48.96
C GLU A 281 54.67 -32.04 50.30
N ASN A 282 55.28 -33.22 50.29
CA ASN A 282 55.90 -33.79 51.48
C ASN A 282 57.40 -33.94 51.26
N PHE B 4 23.83 -31.99 20.35
CA PHE B 4 24.86 -31.10 19.81
C PHE B 4 25.10 -29.93 20.75
N ARG B 5 24.09 -29.54 21.53
CA ARG B 5 24.21 -28.43 22.47
C ARG B 5 24.71 -28.88 23.83
N ASP B 6 25.51 -29.94 23.86
CA ASP B 6 26.26 -30.26 25.07
C ASP B 6 27.24 -29.16 25.41
N ASN B 7 27.81 -28.49 24.39
CA ASN B 7 28.83 -27.46 24.59
C ASN B 7 28.22 -26.13 25.06
N PHE B 8 27.60 -26.20 26.25
CA PHE B 8 27.13 -25.02 26.96
C PHE B 8 27.46 -25.09 28.45
N TRP B 9 28.57 -25.72 28.80
CA TRP B 9 28.88 -25.98 30.21
C TRP B 9 29.50 -24.75 30.89
N GLY B 10 30.67 -24.32 30.42
CA GLY B 10 31.30 -23.15 31.01
C GLY B 10 31.74 -23.37 32.45
N SER B 11 31.87 -22.25 33.17
CA SER B 11 32.47 -22.33 34.49
C SER B 11 31.48 -22.73 35.59
N LYS B 12 30.59 -21.84 35.99
CA LYS B 12 29.52 -22.26 36.90
C LYS B 12 28.13 -21.82 36.47
N ASP B 13 27.95 -20.52 36.30
CA ASP B 13 26.64 -19.94 36.03
C ASP B 13 26.58 -19.27 34.65
N ALA B 14 27.67 -19.32 33.89
CA ALA B 14 27.64 -18.76 32.55
C ALA B 14 26.63 -19.49 31.68
N GLY B 15 26.63 -20.81 31.73
CA GLY B 15 25.70 -21.62 30.97
C GLY B 15 24.25 -21.24 31.19
N MET B 16 23.80 -21.24 32.44
CA MET B 16 22.42 -20.91 32.73
C MET B 16 22.09 -19.49 32.29
N ASP B 17 23.00 -18.55 32.53
CA ASP B 17 22.75 -17.17 32.15
C ASP B 17 22.92 -16.95 30.65
N ALA B 18 23.79 -17.73 29.99
CA ALA B 18 23.83 -17.70 28.54
C ALA B 18 22.55 -18.25 27.95
N LEU B 19 21.95 -19.25 28.60
CA LEU B 19 20.68 -19.81 28.16
C LEU B 19 19.48 -19.04 28.69
N MET B 20 19.66 -18.24 29.74
CA MET B 20 18.55 -17.41 30.21
C MET B 20 18.43 -16.12 29.42
N SER B 21 19.51 -15.68 28.77
CA SER B 21 19.43 -14.52 27.89
C SER B 21 18.88 -14.89 26.52
N ARG B 22 19.09 -16.13 26.08
CA ARG B 22 18.63 -16.54 24.76
C ARG B 22 17.11 -16.57 24.70
N THR B 23 16.47 -17.03 25.78
CA THR B 23 15.00 -17.05 25.79
C THR B 23 14.42 -15.64 25.84
N LYS B 24 15.01 -14.76 26.65
CA LYS B 24 14.52 -13.38 26.69
C LYS B 24 14.83 -12.64 25.41
N SER B 25 15.89 -13.03 24.69
CA SER B 25 16.16 -12.47 23.38
C SER B 25 15.25 -13.08 22.32
N SER B 26 15.02 -14.40 22.39
CA SER B 26 14.10 -15.04 21.47
C SER B 26 12.71 -14.45 21.58
N LEU B 27 12.25 -14.19 22.82
CA LEU B 27 10.96 -13.54 23.00
C LEU B 27 10.98 -12.12 22.46
N SER B 28 12.11 -11.43 22.56
CA SER B 28 12.24 -10.09 22.01
C SER B 28 12.33 -10.09 20.49
N VAL B 29 12.51 -11.26 19.87
CA VAL B 29 12.42 -11.36 18.42
C VAL B 29 10.96 -11.44 17.98
N LEU B 30 10.19 -12.28 18.65
CA LEU B 30 8.80 -12.51 18.24
C LEU B 30 7.94 -11.28 18.52
N GLU B 31 8.13 -10.63 19.67
CA GLU B 31 7.38 -9.42 19.95
C GLU B 31 7.75 -8.29 18.99
N SER B 32 9.02 -8.23 18.57
CA SER B 32 9.39 -7.29 17.52
C SER B 32 8.74 -7.67 16.19
N ILE B 33 8.55 -8.97 15.95
CA ILE B 33 7.85 -9.42 14.76
C ILE B 33 6.35 -9.16 14.89
N ASP B 34 5.79 -9.42 16.07
CA ASP B 34 4.38 -9.16 16.34
C ASP B 34 4.04 -7.71 16.05
N GLU B 35 4.75 -6.79 16.70
CA GLU B 35 4.46 -5.36 16.54
C GLU B 35 4.60 -4.94 15.08
N PHE B 36 5.56 -5.54 14.35
CA PHE B 36 5.76 -5.20 12.95
C PHE B 36 4.49 -5.43 12.15
N TYR B 37 3.69 -6.44 12.53
CA TYR B 37 2.39 -6.64 11.88
C TYR B 37 1.41 -5.55 12.30
N ALA B 38 1.42 -5.17 13.58
CA ALA B 38 0.50 -4.14 14.06
C ALA B 38 0.73 -2.82 13.33
N LYS B 39 1.99 -2.44 13.11
CA LYS B 39 2.27 -1.24 12.35
C LYS B 39 1.82 -1.37 10.90
N ARG B 40 2.10 -2.52 10.28
CA ARG B 40 1.65 -2.75 8.92
C ARG B 40 0.13 -2.87 8.83
N ALA B 41 -0.51 -3.27 9.94
CA ALA B 41 -1.95 -3.47 9.94
C ALA B 41 -2.70 -2.15 9.67
N SER B 42 -2.56 -1.19 10.58
CA SER B 42 -3.32 0.05 10.46
C SER B 42 -2.89 0.88 9.26
N ILE B 43 -1.69 0.65 8.74
CA ILE B 43 -1.30 1.28 7.47
C ILE B 43 -2.26 0.86 6.36
N GLU B 44 -2.43 -0.45 6.19
CA GLU B 44 -3.35 -0.95 5.17
C GLU B 44 -4.79 -0.60 5.52
N ARG B 45 -5.13 -0.57 6.81
CA ARG B 45 -6.49 -0.19 7.21
C ARG B 45 -6.80 1.26 6.83
N GLU B 46 -5.80 2.13 6.89
CA GLU B 46 -6.01 3.50 6.42
C GLU B 46 -6.10 3.55 4.90
N TYR B 47 -5.49 2.58 4.22
CA TYR B 47 -5.55 2.54 2.77
C TYR B 47 -6.96 2.23 2.27
N ALA B 48 -7.65 1.31 2.96
CA ALA B 48 -9.01 0.96 2.57
C ALA B 48 -10.03 2.01 3.00
N SER B 49 -9.79 2.69 4.12
CA SER B 49 -10.67 3.78 4.55
C SER B 49 -10.81 4.83 3.46
N LYS B 50 -9.67 5.30 2.93
CA LYS B 50 -9.68 6.33 1.92
C LYS B 50 -10.26 5.83 0.60
N LEU B 51 -10.01 4.57 0.26
CA LEU B 51 -10.40 4.06 -1.05
C LEU B 51 -11.92 3.91 -1.15
N GLN B 52 -12.51 3.13 -0.25
CA GLN B 52 -13.97 3.01 -0.23
C GLN B 52 -14.63 4.34 0.07
N GLU B 53 -13.89 5.29 0.65
CA GLU B 53 -14.33 6.68 0.65
C GLU B 53 -14.28 7.25 -0.77
N LEU B 54 -13.13 7.13 -1.43
CA LEU B 54 -12.97 7.71 -2.75
C LEU B 54 -13.89 7.05 -3.77
N ALA B 55 -14.03 5.73 -3.68
CA ALA B 55 -14.87 5.01 -4.65
C ALA B 55 -16.34 5.32 -4.45
N ALA B 56 -16.83 5.22 -3.21
CA ALA B 56 -18.24 5.42 -2.93
C ALA B 56 -18.66 6.89 -2.93
N SER B 57 -17.72 7.82 -2.98
CA SER B 57 -18.06 9.24 -3.07
C SER B 57 -18.41 9.61 -4.52
N SER B 58 -19.38 8.89 -5.06
CA SER B 58 -19.82 9.13 -6.43
C SER B 58 -20.60 10.43 -6.51
N ALA B 59 -20.60 11.03 -7.69
CA ALA B 59 -21.31 12.27 -7.95
C ALA B 59 -21.94 12.22 -9.34
N ASP B 60 -22.88 13.12 -9.59
CA ASP B 60 -23.64 13.16 -10.83
C ASP B 60 -23.06 14.23 -11.73
N ILE B 61 -22.52 13.81 -12.87
CA ILE B 61 -21.92 14.72 -13.84
C ILE B 61 -22.44 14.36 -15.23
N PRO B 62 -22.35 15.29 -16.21
CA PRO B 62 -23.07 15.10 -17.50
C PRO B 62 -22.63 13.90 -18.32
N GLU B 63 -21.74 13.08 -17.78
CA GLU B 63 -21.32 11.86 -18.47
C GLU B 63 -22.47 10.86 -18.54
N VAL B 64 -22.59 10.18 -19.67
CA VAL B 64 -23.62 9.16 -19.85
C VAL B 64 -23.25 8.32 -21.06
N GLY B 65 -23.81 7.11 -21.13
CA GLY B 65 -23.70 6.28 -22.31
C GLY B 65 -22.72 5.12 -22.22
N SER B 66 -22.11 4.76 -23.34
CA SER B 66 -21.14 3.68 -23.38
C SER B 66 -19.79 4.08 -22.79
N THR B 67 -19.48 5.39 -22.78
CA THR B 67 -18.32 5.88 -22.06
C THR B 67 -18.59 6.04 -20.57
N LEU B 68 -19.87 6.05 -20.18
CA LEU B 68 -20.20 6.07 -18.76
C LEU B 68 -19.77 4.80 -18.06
N ASN B 69 -19.71 3.68 -18.79
CA ASN B 69 -19.26 2.43 -18.19
C ASN B 69 -17.82 2.54 -17.70
N ASN B 70 -16.93 3.01 -18.57
CA ASN B 70 -15.51 2.99 -18.26
C ASN B 70 -15.20 3.89 -17.07
N ILE B 71 -15.70 5.13 -17.11
CA ILE B 71 -15.48 6.06 -16.00
C ILE B 71 -15.98 5.44 -14.71
N LEU B 72 -17.19 4.86 -14.74
CA LEU B 72 -17.72 4.20 -13.55
C LEU B 72 -16.95 2.93 -13.23
N SER B 73 -16.46 2.22 -14.24
CA SER B 73 -15.60 1.07 -13.98
C SER B 73 -14.40 1.47 -13.15
N MET B 74 -13.83 2.66 -13.42
CA MET B 74 -12.71 3.12 -12.62
C MET B 74 -13.14 3.42 -11.19
N ARG B 75 -14.33 4.01 -11.01
CA ARG B 75 -14.79 4.29 -9.66
C ARG B 75 -15.10 3.01 -8.90
N THR B 76 -15.67 2.00 -9.56
CA THR B 76 -16.09 0.80 -8.85
C THR B 76 -14.96 -0.18 -8.61
N GLU B 77 -13.75 0.08 -9.14
CA GLU B 77 -12.61 -0.78 -8.85
C GLU B 77 -11.65 -0.15 -7.85
N THR B 78 -11.87 1.10 -7.46
CA THR B 78 -11.19 1.66 -6.30
C THR B 78 -11.85 1.21 -5.00
N GLY B 79 -13.05 0.63 -5.07
CA GLY B 79 -13.68 0.03 -3.92
C GLY B 79 -13.29 -1.43 -3.82
N SER B 80 -12.86 -2.00 -4.94
CA SER B 80 -12.31 -3.36 -4.91
C SER B 80 -10.96 -3.38 -4.19
N MET B 81 -10.12 -2.38 -4.44
CA MET B 81 -8.86 -2.25 -3.71
C MET B 81 -9.10 -2.13 -2.22
N ALA B 82 -10.04 -1.28 -1.82
CA ALA B 82 -10.38 -1.13 -0.40
C ALA B 82 -10.78 -2.47 0.21
N LYS B 83 -11.73 -3.16 -0.43
CA LYS B 83 -12.12 -4.48 0.03
C LYS B 83 -10.94 -5.43 0.03
N ALA B 84 -10.05 -5.32 -0.96
CA ALA B 84 -8.91 -6.22 -1.04
C ALA B 84 -7.92 -5.95 0.10
N HIS B 85 -7.69 -4.68 0.41
CA HIS B 85 -6.69 -4.33 1.40
C HIS B 85 -7.25 -4.24 2.81
N GLU B 86 -8.58 -4.17 2.96
CA GLU B 86 -9.17 -4.35 4.28
C GLU B 86 -9.02 -5.79 4.75
N GLU B 87 -9.23 -6.76 3.84
CA GLU B 87 -8.98 -8.16 4.17
C GLU B 87 -7.54 -8.38 4.59
N VAL B 88 -6.60 -7.65 3.98
CA VAL B 88 -5.18 -7.83 4.30
C VAL B 88 -4.94 -7.47 5.75
N SER B 89 -5.31 -6.25 6.15
CA SER B 89 -5.15 -5.85 7.54
C SER B 89 -5.97 -6.74 8.46
N GLN B 90 -7.19 -7.08 8.05
CA GLN B 90 -8.02 -7.98 8.84
C GLN B 90 -7.30 -9.31 9.09
N GLN B 91 -6.81 -9.93 8.02
CA GLN B 91 -6.08 -11.18 8.14
C GLN B 91 -4.78 -11.03 8.93
N ILE B 92 -4.33 -9.80 9.18
CA ILE B 92 -3.09 -9.59 9.91
C ILE B 92 -3.31 -9.57 11.41
N ASN B 93 -4.32 -8.85 11.90
CA ASN B 93 -4.56 -8.78 13.33
C ASN B 93 -5.35 -9.96 13.86
N THR B 94 -6.26 -10.51 13.05
CA THR B 94 -7.03 -11.68 13.48
C THR B 94 -6.16 -12.94 13.41
N GLU B 95 -5.56 -13.20 12.25
CA GLU B 95 -4.77 -14.42 12.09
C GLU B 95 -3.33 -14.23 12.55
N LEU B 96 -2.59 -13.34 11.89
CA LEU B 96 -1.14 -13.28 12.07
C LEU B 96 -0.76 -12.92 13.49
N ARG B 97 -1.17 -11.73 13.94
CA ARG B 97 -0.77 -11.25 15.27
C ARG B 97 -1.25 -12.20 16.36
N ASN B 98 -2.50 -12.63 16.29
CA ASN B 98 -3.07 -13.49 17.32
C ASN B 98 -2.33 -14.83 17.39
N LYS B 99 -1.93 -15.38 16.24
CA LYS B 99 -1.19 -16.62 16.25
C LYS B 99 0.26 -16.45 16.68
N ILE B 100 0.77 -15.21 16.69
CA ILE B 100 2.04 -14.95 17.35
C ILE B 100 1.87 -14.99 18.86
N ARG B 101 0.83 -14.34 19.37
CA ARG B 101 0.49 -14.44 20.79
C ARG B 101 0.29 -15.88 21.22
N GLU B 102 -0.10 -16.76 20.27
CA GLU B 102 -0.20 -18.17 20.59
C GLU B 102 1.14 -18.73 21.01
N TYR B 103 2.12 -18.74 20.09
CA TYR B 103 3.42 -19.31 20.39
C TYR B 103 4.17 -18.54 21.47
N ILE B 104 3.83 -17.26 21.69
CA ILE B 104 4.43 -16.52 22.80
C ILE B 104 4.09 -17.20 24.12
N ASP B 105 2.81 -17.52 24.32
CA ASP B 105 2.36 -18.11 25.59
C ASP B 105 2.67 -19.59 25.66
N GLN B 106 2.41 -20.33 24.57
CA GLN B 106 2.66 -21.77 24.56
C GLN B 106 4.10 -22.09 24.94
N THR B 107 5.04 -21.24 24.53
CA THR B 107 6.45 -21.52 24.76
C THR B 107 6.88 -21.14 26.17
N GLU B 108 6.40 -20.00 26.67
CA GLU B 108 6.72 -19.62 28.05
C GLU B 108 6.22 -20.65 29.03
N GLN B 109 5.05 -21.23 28.77
CA GLN B 109 4.56 -22.33 29.59
C GLN B 109 5.39 -23.59 29.37
N GLN B 110 5.98 -23.75 28.18
CA GLN B 110 6.85 -24.88 27.89
C GLN B 110 8.29 -24.61 28.32
N LYS B 111 8.68 -23.34 28.47
CA LYS B 111 10.03 -23.03 28.96
C LYS B 111 10.17 -23.25 30.46
N VAL B 112 9.05 -23.36 31.20
CA VAL B 112 9.14 -23.71 32.61
C VAL B 112 9.30 -25.21 32.77
N VAL B 113 8.48 -25.99 32.05
CA VAL B 113 8.51 -27.45 32.16
C VAL B 113 9.88 -27.99 31.84
N ALA B 114 10.56 -27.40 30.86
CA ALA B 114 11.85 -27.92 30.40
C ALA B 114 12.87 -27.93 31.53
N ALA B 115 13.18 -26.77 32.08
CA ALA B 115 14.16 -26.63 33.15
C ALA B 115 13.39 -26.28 34.43
N ASN B 116 12.96 -27.31 35.15
CA ASN B 116 12.19 -27.10 36.37
C ASN B 116 13.09 -27.07 37.61
N ALA B 117 13.93 -28.08 37.79
CA ALA B 117 14.70 -28.24 39.02
C ALA B 117 16.15 -27.80 38.85
N ILE B 118 16.44 -26.91 37.90
CA ILE B 118 17.81 -26.50 37.66
C ILE B 118 18.37 -25.73 38.86
N GLU B 119 17.58 -24.82 39.42
CA GLU B 119 18.06 -24.03 40.55
C GLU B 119 18.09 -24.83 41.84
N GLU B 120 17.33 -25.92 41.93
CA GLU B 120 17.49 -26.83 43.06
C GLU B 120 18.90 -27.40 43.09
N LEU B 121 19.32 -28.02 41.98
CA LEU B 121 20.63 -28.67 41.94
C LEU B 121 21.75 -27.67 41.83
N TYR B 122 21.54 -26.53 41.16
CA TYR B 122 22.59 -25.54 41.05
C TYR B 122 22.95 -24.96 42.41
N GLN B 123 21.95 -24.79 43.29
CA GLN B 123 22.20 -24.27 44.63
C GLN B 123 22.61 -25.36 45.60
N LYS B 124 22.13 -26.59 45.41
CA LYS B 124 22.66 -27.71 46.18
C LYS B 124 24.13 -27.94 45.87
N LYS B 125 24.50 -27.81 44.59
CA LYS B 125 25.90 -27.97 44.20
C LYS B 125 26.76 -26.85 44.78
N THR B 126 26.21 -25.63 44.86
CA THR B 126 26.95 -24.52 45.44
C THR B 126 27.15 -24.71 46.94
N ALA B 127 26.08 -25.11 47.65
CA ALA B 127 26.17 -25.34 49.09
C ALA B 127 27.34 -26.25 49.41
N LEU B 128 27.46 -27.36 48.69
CA LEU B 128 28.57 -28.29 48.93
C LEU B 128 29.89 -27.71 48.44
N GLU B 129 29.90 -27.09 47.25
CA GLU B 129 31.10 -26.44 46.74
C GLU B 129 31.76 -25.57 47.80
N ILE B 130 30.99 -24.67 48.41
CA ILE B 130 31.55 -23.80 49.44
C ILE B 130 31.80 -24.60 50.72
N ASP B 131 30.88 -25.50 51.07
CA ASP B 131 31.04 -26.27 52.29
C ASP B 131 32.23 -27.22 52.17
N LEU B 132 32.42 -27.83 51.00
CA LEU B 132 33.62 -28.62 50.76
C LEU B 132 34.87 -27.76 50.85
N SER B 133 34.76 -26.49 50.46
CA SER B 133 35.88 -25.56 50.63
C SER B 133 36.09 -25.18 52.09
N LYS B 134 35.00 -25.15 52.88
CA LYS B 134 35.13 -24.94 54.32
C LYS B 134 35.88 -26.09 54.97
N LYS B 135 35.69 -27.30 54.46
CA LYS B 135 36.30 -28.48 55.06
C LYS B 135 37.75 -28.65 54.62
N LYS B 136 38.04 -28.42 53.33
CA LYS B 136 39.43 -28.33 52.90
C LYS B 136 40.14 -27.18 53.59
N ASP B 137 39.40 -26.14 53.98
CA ASP B 137 39.99 -25.04 54.73
C ASP B 137 40.54 -25.53 56.07
N ALA B 138 39.73 -26.25 56.83
CA ALA B 138 40.18 -26.75 58.13
C ALA B 138 41.22 -27.85 57.97
N TYR B 139 41.03 -28.73 56.98
CA TYR B 139 41.96 -29.84 56.79
C TYR B 139 43.39 -29.35 56.58
N GLU B 140 43.56 -28.28 55.82
CA GLU B 140 44.90 -27.76 55.54
C GLU B 140 45.37 -26.75 56.58
N TYR B 141 44.50 -26.36 57.51
CA TYR B 141 44.98 -25.77 58.75
C TYR B 141 45.29 -26.84 59.79
N SER B 142 44.58 -27.98 59.72
CA SER B 142 44.83 -29.09 60.63
C SER B 142 46.17 -29.75 60.36
N CYS B 143 46.67 -29.66 59.14
CA CYS B 143 47.95 -30.27 58.78
C CYS B 143 49.12 -29.31 58.95
N ASN B 144 48.85 -28.00 58.99
CA ASN B 144 49.90 -27.04 59.32
C ASN B 144 50.39 -27.24 60.74
N LYS B 145 49.45 -27.34 61.69
CA LYS B 145 49.83 -27.53 63.09
C LYS B 145 50.58 -28.84 63.27
N LEU B 146 50.15 -29.89 62.57
CA LEU B 146 50.84 -31.18 62.68
C LEU B 146 52.26 -31.09 62.16
N ASN B 147 52.45 -30.44 61.00
CA ASN B 147 53.80 -30.21 60.51
C ASN B 147 54.60 -29.34 61.47
N SER B 148 53.97 -28.29 62.01
CA SER B 148 54.64 -27.44 62.98
C SER B 148 55.06 -28.20 64.22
N TYR B 149 54.40 -29.33 64.52
CA TYR B 149 54.82 -30.20 65.62
C TYR B 149 55.75 -31.31 65.18
N MET B 150 55.78 -31.62 63.88
CA MET B 150 56.71 -32.60 63.33
C MET B 150 57.89 -31.96 62.62
N ARG B 151 57.87 -30.64 62.43
CA ARG B 151 59.03 -29.92 61.91
C ARG B 151 59.83 -29.23 63.02
N GLN B 152 59.15 -28.76 64.07
CA GLN B 152 59.89 -28.30 65.25
C GLN B 152 60.66 -29.45 65.88
N THR B 153 60.04 -30.64 65.91
CA THR B 153 60.75 -31.84 66.34
C THR B 153 61.85 -32.24 65.35
N LYS B 154 61.77 -31.77 64.11
CA LYS B 154 62.82 -32.06 63.14
C LYS B 154 64.11 -31.34 63.50
N LYS B 155 64.05 -30.02 63.69
CA LYS B 155 65.26 -29.27 64.03
C LYS B 155 65.64 -29.49 65.49
N MET B 156 64.66 -29.42 66.39
CA MET B 156 64.88 -29.77 67.79
C MET B 156 64.62 -31.27 67.92
N THR B 157 65.64 -32.05 67.58
CA THR B 157 65.53 -33.49 67.52
C THR B 157 65.26 -34.07 68.91
N GLY B 158 65.06 -35.39 68.95
CA GLY B 158 64.80 -36.09 70.19
C GLY B 158 66.05 -36.26 71.03
N ARG B 159 66.71 -35.15 71.33
CA ARG B 159 67.87 -35.13 72.22
C ARG B 159 67.50 -34.89 73.66
N GLU B 160 66.22 -34.67 73.95
CA GLU B 160 65.72 -34.34 75.27
C GLU B 160 64.71 -35.40 75.72
N LEU B 161 64.19 -35.23 76.94
CA LEU B 161 63.14 -36.09 77.48
C LEU B 161 61.92 -35.22 77.78
N ASP B 162 61.11 -34.98 76.75
CA ASP B 162 59.81 -34.35 76.86
C ASP B 162 58.78 -35.28 76.26
N LYS B 163 57.63 -35.40 76.92
CA LYS B 163 56.58 -36.29 76.44
C LYS B 163 56.13 -35.85 75.05
N TYR B 164 56.25 -36.76 74.08
CA TYR B 164 55.96 -36.43 72.69
C TYR B 164 54.46 -36.40 72.40
N ASN B 165 53.61 -36.59 73.40
CA ASN B 165 52.19 -36.78 73.15
C ASN B 165 51.54 -35.61 72.43
N LEU B 166 52.26 -34.50 72.23
CA LEU B 166 51.71 -33.40 71.45
C LEU B 166 51.35 -33.86 70.03
N LYS B 167 52.17 -34.74 69.45
CA LYS B 167 51.92 -35.17 68.07
C LYS B 167 50.74 -36.12 67.99
N ILE B 168 50.79 -37.24 68.72
CA ILE B 168 49.73 -38.24 68.62
C ILE B 168 48.41 -37.66 69.12
N ARG B 169 48.46 -36.69 70.04
CA ARG B 169 47.25 -35.98 70.43
C ARG B 169 46.64 -35.25 69.24
N GLN B 170 47.48 -34.65 68.40
CA GLN B 170 47.01 -33.90 67.24
C GLN B 170 47.11 -34.69 65.94
N ALA B 171 47.80 -35.83 65.94
CA ALA B 171 47.73 -36.72 64.79
C ALA B 171 46.33 -37.30 64.65
N ALA B 172 45.67 -37.56 65.77
CA ALA B 172 44.28 -38.00 65.71
C ALA B 172 43.39 -36.90 65.14
N LEU B 173 43.75 -35.64 65.34
CA LEU B 173 42.97 -34.55 64.75
C LEU B 173 43.08 -34.56 63.23
N ALA B 174 44.29 -34.74 62.69
CA ALA B 174 44.47 -34.73 61.25
C ALA B 174 43.59 -35.76 60.57
N VAL B 175 43.62 -37.00 61.07
CA VAL B 175 42.76 -38.05 60.54
C VAL B 175 41.29 -37.69 60.73
N LYS B 176 40.95 -37.14 61.89
CA LYS B 176 39.56 -36.77 62.17
C LYS B 176 39.04 -35.78 61.15
N LYS B 177 39.70 -34.63 61.03
CA LYS B 177 39.21 -33.57 60.15
C LYS B 177 39.29 -33.98 58.68
N MET B 178 40.34 -34.72 58.30
CA MET B 178 40.50 -35.13 56.91
C MET B 178 39.41 -36.11 56.50
N ASP B 179 39.36 -37.27 57.16
CA ASP B 179 38.52 -38.36 56.68
C ASP B 179 37.05 -37.99 56.74
N ALA B 180 36.52 -37.75 57.94
CA ALA B 180 35.09 -37.53 58.08
C ALA B 180 34.65 -36.25 57.36
N GLU B 181 35.47 -35.20 57.40
CA GLU B 181 35.03 -33.92 56.86
C GLU B 181 35.63 -33.57 55.50
N TYR B 182 36.54 -34.35 54.93
CA TYR B 182 36.91 -33.98 53.56
C TYR B 182 36.66 -35.11 52.58
N ARG B 183 37.02 -36.34 52.91
CA ARG B 183 36.78 -37.46 52.00
C ARG B 183 35.32 -37.89 51.96
N GLU B 184 34.45 -37.15 52.64
CA GLU B 184 33.02 -37.43 52.66
C GLU B 184 32.20 -36.36 51.97
N THR B 185 32.40 -35.08 52.33
CA THR B 185 31.71 -34.02 51.61
C THR B 185 32.28 -33.81 50.22
N ASN B 186 33.51 -34.28 49.96
CA ASN B 186 34.00 -34.37 48.59
C ASN B 186 33.35 -35.52 47.84
N GLU B 187 32.64 -36.41 48.54
CA GLU B 187 31.90 -37.48 47.91
C GLU B 187 30.40 -37.24 47.89
N LEU B 188 29.88 -36.39 48.77
CA LEU B 188 28.52 -35.89 48.58
C LEU B 188 28.46 -34.92 47.40
N LEU B 189 29.52 -34.12 47.22
CA LEU B 189 29.58 -33.22 46.07
C LEU B 189 29.69 -34.00 44.76
N LEU B 190 30.40 -35.14 44.79
CA LEU B 190 30.56 -35.95 43.59
C LEU B 190 29.21 -36.44 43.07
N THR B 191 28.41 -37.06 43.94
CA THR B 191 27.14 -37.63 43.49
C THR B 191 26.18 -36.54 43.03
N VAL B 192 26.21 -35.37 43.68
CA VAL B 192 25.40 -34.25 43.22
C VAL B 192 25.91 -33.76 41.87
N THR B 193 27.22 -33.57 41.75
CA THR B 193 27.82 -33.13 40.50
C THR B 193 27.46 -34.07 39.35
N ARG B 194 27.59 -35.38 39.58
CA ARG B 194 27.29 -36.34 38.53
C ARG B 194 25.82 -36.29 38.13
N GLU B 195 24.94 -35.91 39.06
CA GLU B 195 23.55 -35.68 38.70
C GLU B 195 23.34 -34.29 38.10
N TRP B 196 24.09 -33.30 38.60
CA TRP B 196 24.02 -31.96 38.02
C TRP B 196 24.37 -31.98 36.54
N ILE B 197 25.42 -32.72 36.18
CA ILE B 197 25.78 -32.85 34.78
C ILE B 197 24.67 -33.54 34.00
N ASP B 198 24.02 -34.53 34.61
CA ASP B 198 22.93 -35.21 33.94
C ASP B 198 21.76 -34.27 33.69
N ARG B 199 21.23 -33.65 34.75
CA ARG B 199 20.07 -32.77 34.60
C ARG B 199 20.38 -31.60 33.68
N TRP B 200 21.57 -31.02 33.81
CA TRP B 200 21.93 -29.89 32.95
C TRP B 200 22.02 -30.32 31.49
N THR B 201 22.51 -31.53 31.23
CA THR B 201 22.58 -32.03 29.87
C THR B 201 21.18 -32.17 29.26
N GLU B 202 20.20 -32.57 30.07
CA GLU B 202 18.83 -32.71 29.58
C GLU B 202 18.12 -31.38 29.44
N VAL B 203 18.63 -30.32 30.08
CA VAL B 203 18.01 -29.00 29.94
C VAL B 203 18.54 -28.31 28.69
N CYS B 204 19.82 -28.53 28.35
CA CYS B 204 20.33 -28.03 27.08
C CYS B 204 19.62 -28.72 25.91
N ASP B 205 19.41 -30.03 26.02
CA ASP B 205 18.66 -30.75 24.99
C ASP B 205 17.24 -30.21 24.86
N ALA B 206 16.63 -29.82 25.98
CA ALA B 206 15.23 -29.41 25.97
C ALA B 206 15.03 -28.05 25.32
N PHE B 207 16.00 -27.14 25.47
CA PHE B 207 15.86 -25.84 24.82
C PHE B 207 16.30 -25.89 23.36
N GLN B 208 17.29 -26.73 23.03
CA GLN B 208 17.66 -26.94 21.64
C GLN B 208 16.44 -27.36 20.81
N HIS B 209 15.66 -28.31 21.32
CA HIS B 209 14.44 -28.71 20.65
C HIS B 209 13.48 -27.54 20.51
N ILE B 210 13.36 -26.72 21.56
CA ILE B 210 12.49 -25.54 21.49
C ILE B 210 12.98 -24.58 20.43
N GLU B 211 14.30 -24.43 20.31
CA GLU B 211 14.85 -23.49 19.34
C GLU B 211 14.71 -24.00 17.91
N GLU B 212 14.70 -25.32 17.72
CA GLU B 212 14.47 -25.87 16.40
C GLU B 212 13.01 -25.80 15.99
N TYR B 213 12.12 -25.42 16.90
CA TYR B 213 10.72 -25.14 16.58
C TYR B 213 10.53 -23.67 16.23
N ARG B 214 11.10 -22.78 17.06
CA ARG B 214 10.92 -21.34 16.86
C ARG B 214 11.36 -20.92 15.45
N LEU B 215 12.44 -21.52 14.95
CA LEU B 215 12.89 -21.20 13.60
C LEU B 215 11.89 -21.70 12.56
N GLU B 216 11.44 -22.94 12.70
CA GLU B 216 10.44 -23.47 11.77
C GLU B 216 9.11 -22.74 11.92
N PHE B 217 8.73 -22.38 13.14
CA PHE B 217 7.50 -21.61 13.34
C PHE B 217 7.58 -20.26 12.66
N LEU B 218 8.70 -19.55 12.84
CA LEU B 218 8.85 -18.23 12.23
C LEU B 218 8.78 -18.32 10.71
N LYS B 219 9.41 -19.35 10.12
CA LYS B 219 9.31 -19.53 8.67
C LYS B 219 7.88 -19.78 8.24
N THR B 220 7.19 -20.69 8.92
CA THR B 220 5.80 -20.99 8.57
C THR B 220 4.86 -19.84 8.92
N ASN B 221 5.25 -18.98 9.85
CA ASN B 221 4.42 -17.81 10.14
C ASN B 221 4.63 -16.72 9.09
N MET B 222 5.87 -16.45 8.72
CA MET B 222 6.13 -15.44 7.71
C MET B 222 5.69 -15.90 6.33
N TRP B 223 5.67 -17.22 6.09
CA TRP B 223 5.10 -17.73 4.85
C TRP B 223 3.62 -17.40 4.77
N ALA B 224 2.91 -17.50 5.90
CA ALA B 224 1.54 -17.01 5.95
C ALA B 224 1.49 -15.52 5.68
N TYR B 225 2.45 -14.76 6.23
CA TYR B 225 2.49 -13.32 5.97
C TYR B 225 2.64 -13.03 4.49
N ALA B 226 3.52 -13.75 3.80
CA ALA B 226 3.74 -13.49 2.39
C ALA B 226 2.47 -13.78 1.58
N ASN B 227 1.77 -14.84 1.92
CA ASN B 227 0.59 -15.23 1.15
C ASN B 227 -0.65 -14.42 1.53
N ILE B 228 -0.66 -13.80 2.71
CA ILE B 228 -1.73 -12.86 3.03
C ILE B 228 -1.65 -11.62 2.15
N ILE B 229 -0.43 -11.25 1.72
CA ILE B 229 -0.27 -10.11 0.82
C ILE B 229 -0.50 -10.52 -0.64
N SER B 230 -0.02 -11.69 -1.04
CA SER B 230 -0.29 -12.17 -2.39
C SER B 230 -1.78 -12.33 -2.65
N THR B 231 -2.58 -12.52 -1.60
CA THR B 231 -4.03 -12.52 -1.76
C THR B 231 -4.50 -11.20 -2.37
N ALA B 232 -4.05 -10.08 -1.82
CA ALA B 232 -4.47 -8.78 -2.34
C ALA B 232 -3.94 -8.55 -3.75
N CYS B 233 -2.70 -8.97 -4.00
CA CYS B 233 -2.04 -8.63 -5.26
C CYS B 233 -2.79 -9.20 -6.46
N VAL B 234 -3.20 -10.47 -6.38
CA VAL B 234 -3.96 -11.05 -7.49
C VAL B 234 -5.37 -10.47 -7.52
N LYS B 235 -5.93 -10.14 -6.35
CA LYS B 235 -7.22 -9.48 -6.32
C LYS B 235 -7.17 -8.14 -7.04
N ASP B 236 -6.14 -7.34 -6.76
CA ASP B 236 -6.00 -6.05 -7.45
C ASP B 236 -5.71 -6.25 -8.92
N ASP B 237 -4.87 -7.24 -9.25
CA ASP B 237 -4.52 -7.49 -10.65
C ASP B 237 -5.73 -7.99 -11.43
N GLU B 238 -6.54 -8.86 -10.83
CA GLU B 238 -7.73 -9.33 -11.51
C GLU B 238 -8.72 -8.20 -11.76
N SER B 239 -8.89 -7.31 -10.77
CA SER B 239 -9.77 -6.17 -10.95
C SER B 239 -9.22 -5.14 -11.93
N CYS B 240 -8.00 -5.33 -12.42
CA CYS B 240 -7.47 -4.47 -13.46
C CYS B 240 -8.00 -4.85 -14.83
N GLU B 241 -8.07 -6.15 -15.13
CA GLU B 241 -8.69 -6.58 -16.38
C GLU B 241 -10.17 -6.24 -16.41
N LYS B 242 -10.84 -6.26 -15.26
CA LYS B 242 -12.24 -5.82 -15.20
C LYS B 242 -12.38 -4.39 -15.71
N ILE B 243 -11.40 -3.53 -15.39
CA ILE B 243 -11.38 -2.19 -15.98
C ILE B 243 -11.19 -2.28 -17.49
N ARG B 244 -10.23 -3.09 -17.92
CA ARG B 244 -9.92 -3.21 -19.34
C ARG B 244 -10.94 -4.07 -20.09
N LEU B 245 -11.66 -4.96 -19.40
CA LEU B 245 -12.76 -5.66 -20.05
C LEU B 245 -13.88 -4.68 -20.39
N THR B 246 -14.15 -3.73 -19.50
CA THR B 246 -15.18 -2.71 -19.74
C THR B 246 -14.71 -1.63 -20.70
N LEU B 247 -13.43 -1.57 -21.02
CA LEU B 247 -12.94 -0.63 -22.01
C LEU B 247 -12.97 -1.20 -23.42
N GLU B 248 -12.95 -2.52 -23.57
CA GLU B 248 -13.16 -3.14 -24.87
C GLU B 248 -14.63 -3.16 -25.25
N ASN B 249 -15.53 -2.96 -24.27
CA ASN B 249 -16.96 -2.90 -24.52
C ASN B 249 -17.40 -1.57 -25.13
N THR B 250 -16.49 -0.62 -25.32
CA THR B 250 -16.83 0.74 -25.70
C THR B 250 -16.62 0.92 -27.20
N ASN B 251 -17.71 1.07 -27.93
CA ASN B 251 -17.68 1.48 -29.32
C ASN B 251 -18.12 2.94 -29.42
N ILE B 252 -17.82 3.55 -30.57
CA ILE B 252 -18.22 4.94 -30.82
C ILE B 252 -19.61 4.88 -31.44
N ASP B 253 -20.62 4.72 -30.56
CA ASP B 253 -22.00 4.97 -30.91
C ASP B 253 -22.68 5.81 -29.84
N GLU B 254 -21.94 6.27 -28.84
CA GLU B 254 -22.52 7.15 -27.83
C GLU B 254 -22.85 8.52 -28.40
N ASP B 255 -22.27 8.89 -29.54
CA ASP B 255 -22.69 10.09 -30.24
C ASP B 255 -23.98 9.89 -31.02
N ILE B 256 -24.52 8.66 -31.04
CA ILE B 256 -25.89 8.45 -31.50
C ILE B 256 -26.88 8.97 -30.46
N THR B 257 -26.45 9.07 -29.20
CA THR B 257 -27.24 9.72 -28.16
C THR B 257 -27.17 11.22 -28.40
N GLN B 258 -27.98 11.67 -29.36
CA GLN B 258 -27.99 13.05 -29.80
C GLN B 258 -29.12 13.83 -29.14
N MET B 259 -28.86 15.10 -28.85
CA MET B 259 -29.86 16.01 -28.30
C MET B 259 -30.15 17.20 -29.21
N ILE B 260 -29.37 17.40 -30.28
CA ILE B 260 -29.54 18.56 -31.14
C ILE B 260 -30.82 18.42 -31.96
N GLN B 261 -31.65 19.45 -31.94
CA GLN B 261 -32.94 19.46 -32.64
C GLN B 261 -32.74 19.97 -34.05
N ASN B 262 -32.79 19.06 -35.03
CA ASN B 262 -32.45 19.41 -36.41
C ASN B 262 -33.07 18.37 -37.34
N GLU B 263 -32.53 18.29 -38.56
CA GLU B 263 -32.96 17.33 -39.59
C GLU B 263 -34.42 17.56 -39.97
N GLY B 264 -34.62 18.67 -40.68
CA GLY B 264 -35.93 19.12 -41.08
C GLY B 264 -36.06 20.61 -40.86
N THR B 265 -34.93 21.24 -40.54
CA THR B 265 -34.81 22.66 -40.29
C THR B 265 -33.82 23.25 -41.29
N GLY B 266 -33.61 24.57 -41.21
CA GLY B 266 -32.78 25.25 -42.18
C GLY B 266 -33.43 25.21 -43.55
N THR B 267 -34.58 25.85 -43.67
CA THR B 267 -35.42 25.73 -44.86
C THR B 267 -34.81 26.52 -46.01
N THR B 268 -35.56 26.59 -47.12
CA THR B 268 -35.09 27.33 -48.29
C THR B 268 -34.94 28.81 -47.98
N ILE B 269 -35.96 29.41 -47.37
CA ILE B 269 -36.00 30.81 -46.95
C ILE B 269 -35.76 31.80 -48.10
N PRO B 270 -36.41 31.68 -49.25
CA PRO B 270 -36.58 32.85 -50.13
C PRO B 270 -37.95 33.49 -49.94
N PRO B 271 -38.17 34.25 -48.85
CA PRO B 271 -39.52 34.78 -48.59
C PRO B 271 -40.17 35.39 -49.82
N LEU B 272 -41.39 34.94 -50.15
CA LEU B 272 -42.01 35.36 -51.41
C LEU B 272 -43.37 36.04 -51.25
N PRO B 273 -43.54 37.04 -50.34
CA PRO B 273 -44.81 37.77 -50.33
C PRO B 273 -44.96 38.69 -51.54
N GLU B 274 -45.30 38.10 -52.68
CA GLU B 274 -45.61 38.90 -53.87
C GLU B 274 -46.88 39.73 -53.69
N PHE B 275 -47.72 39.36 -52.72
CA PHE B 275 -49.02 40.01 -52.49
C PHE B 275 -49.92 39.85 -53.71
N ASN B 276 -49.86 38.68 -54.34
CA ASN B 276 -50.92 38.22 -55.23
C ASN B 276 -51.79 37.17 -54.54
N ASP B 277 -51.76 37.13 -53.21
CA ASP B 277 -52.56 36.17 -52.47
C ASP B 277 -54.03 36.26 -52.88
N TYR B 278 -54.61 37.46 -52.83
CA TYR B 278 -55.89 37.69 -53.48
C TYR B 278 -55.76 38.78 -54.54
N PHE B 279 -55.21 39.93 -54.17
CA PHE B 279 -55.15 41.12 -55.00
C PHE B 279 -54.49 40.82 -56.35
N LYS B 280 -55.26 41.07 -57.42
CA LYS B 280 -54.80 40.75 -58.78
C LYS B 280 -55.47 41.66 -59.82
#